data_1E26
#
_entry.id   1E26
#
_cell.length_a   37.332
_cell.length_b   43.231
_cell.length_c   61.241
_cell.angle_alpha   90.00
_cell.angle_beta   94.59
_cell.angle_gamma   90.00
#
_symmetry.space_group_name_H-M   'P 1 21 1'
#
loop_
_entity.id
_entity.type
_entity.pdbx_description
1 polymer 'DIHYDROFOLATE REDUCTASE'
2 non-polymer 'NADP NICOTINAMIDE-ADENINE-DINUCLEOTIDE PHOSPHATE'
3 non-polymer 'N-[4-[2-(2-AMINO-4-METHYL-7H-PYRROLO[2,3-D]PYRIMIDIN-5-YL)-ETHYL]-BENZOYL]GLUTAMIC ACID'
4 water water
#
_entity_poly.entity_id   1
_entity_poly.type   'polypeptide(L)'
_entity_poly.pdbx_seq_one_letter_code
;MNQQKSLTLIVALTTSYGIGRSNSLPWKLKKEISYFKRVTSFVPTFDSFESMNVVLMGRKTWESIPLQFRPLKGRINVVI
TRNESLDLGNGIHSAKSLDHALELLYRTYGSESSVQINRIFVIGGAQLYKAAMDHPKLDRIMATIIYKDIHCDVFFPLKF
RDKEWSSVWKKEKHSDLESWVGTKVPHGKINEDGFDYEFEMWTRDL
;
_entity_poly.pdbx_strand_id   A
#
loop_
_chem_comp.id
_chem_comp.type
_chem_comp.name
_chem_comp.formula
GPB non-polymer 'N-[4-[2-(2-AMINO-4-METHYL-7H-PYRROLO[2,3-D]PYRIMIDIN-5-YL)-ETHYL]-BENZOYL]GLUTAMIC ACID' 'C21 H23 N5 O5'
NAP non-polymer 'NADP NICOTINAMIDE-ADENINE-DINUCLEOTIDE PHOSPHATE' 'C21 H28 N7 O17 P3'
#
# COMPACT_ATOMS: atom_id res chain seq x y z
N ASN A 2 20.67 0.13 -0.92
CA ASN A 2 19.40 0.76 -1.36
C ASN A 2 18.22 0.39 -0.45
N GLN A 3 18.30 -0.79 0.15
CA GLN A 3 17.27 -1.29 1.04
C GLN A 3 17.68 -2.18 2.22
N GLN A 4 17.03 -1.90 3.35
CA GLN A 4 17.23 -2.58 4.62
C GLN A 4 15.86 -3.16 5.00
N LYS A 5 14.85 -2.28 5.04
CA LYS A 5 13.53 -2.63 5.54
C LYS A 5 12.68 -3.34 4.49
N SER A 6 11.76 -4.19 4.96
CA SER A 6 10.86 -4.92 4.07
C SER A 6 9.85 -3.97 3.50
N LEU A 7 9.29 -4.33 2.35
CA LEU A 7 8.28 -3.50 1.71
C LEU A 7 6.96 -4.20 1.98
N THR A 8 5.91 -3.40 2.09
CA THR A 8 4.59 -3.95 2.29
C THR A 8 3.70 -3.33 1.23
N LEU A 9 2.90 -4.17 0.58
CA LEU A 9 2.00 -3.72 -0.46
C LEU A 9 0.57 -3.72 0.10
N ILE A 10 -0.16 -2.63 -0.09
CA ILE A 10 -1.54 -2.57 0.38
C ILE A 10 -2.46 -2.35 -0.81
N VAL A 11 -3.48 -3.20 -0.93
CA VAL A 11 -4.40 -3.15 -2.07
C VAL A 11 -5.83 -3.62 -1.77
N ALA A 12 -6.78 -3.10 -2.53
CA ALA A 12 -8.18 -3.48 -2.41
C ALA A 12 -8.47 -4.09 -3.78
N LEU A 13 -8.93 -5.34 -3.81
CA LEU A 13 -9.19 -6.01 -5.07
C LEU A 13 -10.38 -6.95 -5.06
N THR A 14 -10.97 -7.15 -6.22
CA THR A 14 -12.11 -8.06 -6.35
C THR A 14 -11.56 -9.48 -6.49
N THR A 15 -12.42 -10.48 -6.37
CA THR A 15 -11.97 -11.87 -6.50
C THR A 15 -11.40 -12.16 -7.90
N SER A 16 -11.59 -11.21 -8.81
CA SER A 16 -11.09 -11.34 -10.16
C SER A 16 -9.81 -10.55 -10.32
N TYR A 17 -9.27 -10.09 -9.19
CA TYR A 17 -8.02 -9.32 -9.16
C TYR A 17 -8.15 -7.92 -9.79
N GLY A 18 -9.38 -7.44 -9.95
CA GLY A 18 -9.58 -6.11 -10.52
C GLY A 18 -9.31 -5.06 -9.46
N ILE A 19 -8.63 -3.98 -9.83
CA ILE A 19 -8.32 -2.93 -8.87
C ILE A 19 -8.78 -1.53 -9.29
N GLY A 20 -9.25 -1.38 -10.52
CA GLY A 20 -9.69 -0.07 -10.96
C GLY A 20 -10.40 -0.05 -12.29
N ARG A 21 -11.01 1.10 -12.62
CA ARG A 21 -11.74 1.31 -13.87
C ARG A 21 -11.83 2.80 -14.17
N SER A 22 -11.49 3.20 -15.39
CA SER A 22 -11.57 4.60 -15.77
C SER A 22 -10.71 5.51 -14.87
N ASN A 23 -9.58 4.98 -14.40
CA ASN A 23 -8.66 5.72 -13.54
C ASN A 23 -9.20 6.00 -12.12
N SER A 24 -10.25 5.30 -11.73
CA SER A 24 -10.83 5.50 -10.40
C SER A 24 -10.99 4.19 -9.64
N LEU A 25 -11.85 4.22 -8.62
CA LEU A 25 -12.17 3.06 -7.80
C LEU A 25 -13.67 2.91 -7.89
N PRO A 26 -14.15 1.98 -8.73
CA PRO A 26 -15.58 1.70 -8.94
C PRO A 26 -16.32 1.19 -7.70
N TRP A 27 -15.93 1.70 -6.54
CA TRP A 27 -16.55 1.33 -5.27
C TRP A 27 -16.23 2.38 -4.20
N LYS A 28 -17.29 2.82 -3.52
CA LYS A 28 -17.18 3.82 -2.45
C LYS A 28 -17.35 3.13 -1.10
N LEU A 29 -16.24 2.82 -0.45
CA LEU A 29 -16.28 2.16 0.85
C LEU A 29 -15.57 3.04 1.88
N LYS A 30 -16.36 3.77 2.66
CA LYS A 30 -15.81 4.67 3.66
C LYS A 30 -14.99 3.98 4.72
N LYS A 31 -15.46 2.81 5.16
CA LYS A 31 -14.76 2.04 6.18
C LYS A 31 -13.48 1.40 5.64
N GLU A 32 -13.48 1.07 4.35
CA GLU A 32 -12.31 0.45 3.73
C GLU A 32 -11.19 1.51 3.67
N ILE A 33 -11.56 2.75 3.34
CA ILE A 33 -10.58 3.83 3.28
C ILE A 33 -10.08 4.17 4.69
N SER A 34 -10.94 4.01 5.67
CA SER A 34 -10.55 4.29 7.05
C SER A 34 -9.50 3.29 7.48
N TYR A 35 -9.68 2.03 7.06
CA TYR A 35 -8.72 0.99 7.37
C TYR A 35 -7.37 1.32 6.70
N PHE A 36 -7.42 1.73 5.43
CA PHE A 36 -6.21 2.09 4.70
C PHE A 36 -5.44 3.17 5.44
N LYS A 37 -6.15 4.20 5.88
CA LYS A 37 -5.55 5.33 6.60
C LYS A 37 -4.91 4.89 7.92
N ARG A 38 -5.64 4.10 8.69
CA ARG A 38 -5.18 3.60 9.98
C ARG A 38 -3.93 2.72 9.85
N VAL A 39 -3.94 1.83 8.86
CA VAL A 39 -2.80 0.95 8.65
C VAL A 39 -1.57 1.70 8.14
N THR A 40 -1.73 2.44 7.04
CA THR A 40 -0.62 3.19 6.46
C THR A 40 -0.07 4.25 7.41
N SER A 41 -0.83 4.63 8.45
CA SER A 41 -0.40 5.67 9.38
C SER A 41 0.16 5.15 10.70
N PHE A 42 -0.33 4.01 11.14
CA PHE A 42 0.11 3.42 12.40
C PHE A 42 1.61 3.21 12.62
N VAL A 43 2.09 3.63 13.79
CA VAL A 43 3.48 3.44 14.20
C VAL A 43 3.41 3.17 15.69
N PRO A 44 4.25 2.27 16.21
CA PRO A 44 4.24 1.96 17.63
C PRO A 44 4.37 3.18 18.54
N THR A 45 3.68 3.14 19.67
CA THR A 45 3.66 4.24 20.64
C THR A 45 5.04 4.83 20.97
N PHE A 46 5.94 3.99 21.46
CA PHE A 46 7.27 4.45 21.82
C PHE A 46 7.92 5.23 20.68
N ASP A 47 7.93 4.62 19.49
CA ASP A 47 8.52 5.22 18.30
C ASP A 47 7.61 6.24 17.65
N SER A 48 6.52 6.61 18.32
CA SER A 48 5.56 7.57 17.78
C SER A 48 6.07 9.01 17.67
N PHE A 49 7.14 9.32 18.39
CA PHE A 49 7.71 10.66 18.37
C PHE A 49 8.37 11.04 17.06
N GLU A 50 9.43 10.31 16.71
CA GLU A 50 10.20 10.55 15.50
C GLU A 50 9.73 9.76 14.28
N SER A 51 9.59 8.45 14.45
CA SER A 51 9.20 7.54 13.36
C SER A 51 7.97 7.98 12.58
N MET A 52 7.91 7.58 11.31
CA MET A 52 6.81 7.92 10.41
C MET A 52 6.82 6.97 9.21
N ASN A 53 5.64 6.59 8.73
CA ASN A 53 5.56 5.66 7.60
C ASN A 53 5.66 6.32 6.23
N VAL A 54 6.00 5.50 5.23
CA VAL A 54 6.15 5.94 3.84
C VAL A 54 5.14 5.25 2.94
N VAL A 55 4.59 6.00 1.99
CA VAL A 55 3.67 5.45 1.02
C VAL A 55 4.23 5.78 -0.35
N LEU A 56 4.44 4.75 -1.15
CA LEU A 56 4.97 4.94 -2.48
C LEU A 56 3.80 4.68 -3.41
N MET A 57 3.64 5.52 -4.43
CA MET A 57 2.56 5.35 -5.38
C MET A 57 2.99 5.79 -6.77
N GLY A 58 2.30 5.30 -7.79
CA GLY A 58 2.63 5.69 -9.13
C GLY A 58 1.94 7.01 -9.39
N ARG A 59 2.35 7.70 -10.45
CA ARG A 59 1.78 9.00 -10.79
C ARG A 59 0.25 8.95 -10.92
N LYS A 60 -0.24 8.09 -11.80
CA LYS A 60 -1.68 7.94 -12.05
C LYS A 60 -2.48 7.69 -10.79
N THR A 61 -1.85 7.05 -9.81
CA THR A 61 -2.53 6.79 -8.54
C THR A 61 -2.48 8.07 -7.73
N TRP A 62 -1.44 8.88 -7.96
CA TRP A 62 -1.30 10.15 -7.29
C TRP A 62 -2.42 11.08 -7.75
N GLU A 63 -2.67 11.09 -9.05
CA GLU A 63 -3.73 11.92 -9.61
C GLU A 63 -5.10 11.47 -9.10
N SER A 64 -5.25 10.15 -8.91
CA SER A 64 -6.52 9.58 -8.47
C SER A 64 -6.94 9.99 -7.06
N ILE A 65 -6.03 10.58 -6.30
CA ILE A 65 -6.35 11.01 -4.94
C ILE A 65 -6.99 12.40 -4.93
N PRO A 66 -8.16 12.53 -4.28
CA PRO A 66 -8.85 13.83 -4.23
C PRO A 66 -7.88 14.90 -3.77
N LEU A 67 -7.82 16.01 -4.50
CA LEU A 67 -6.91 17.12 -4.17
C LEU A 67 -7.08 17.46 -2.70
N GLN A 68 -8.29 17.23 -2.20
CA GLN A 68 -8.62 17.47 -0.81
C GLN A 68 -7.77 16.61 0.12
N PHE A 69 -7.29 15.48 -0.39
CA PHE A 69 -6.49 14.57 0.43
C PHE A 69 -5.02 14.42 0.07
N ARG A 70 -4.59 15.11 -0.99
CA ARG A 70 -3.19 15.04 -1.38
C ARG A 70 -2.46 16.19 -0.71
N PRO A 71 -1.36 15.92 0.01
CA PRO A 71 -0.75 14.60 0.25
C PRO A 71 -1.40 13.88 1.43
N LEU A 72 -1.10 12.59 1.57
CA LEU A 72 -1.65 11.82 2.68
C LEU A 72 -0.99 12.31 3.95
N LYS A 73 -1.77 13.00 4.78
CA LYS A 73 -1.29 13.56 6.04
C LYS A 73 -0.61 12.57 6.97
N GLY A 74 0.45 13.02 7.63
CA GLY A 74 1.18 12.19 8.58
C GLY A 74 1.95 11.03 7.99
N ARG A 75 2.23 11.10 6.69
CA ARG A 75 2.98 10.04 6.01
C ARG A 75 3.85 10.65 4.93
N ILE A 76 5.03 10.06 4.74
CA ILE A 76 5.96 10.53 3.73
C ILE A 76 5.50 10.00 2.37
N ASN A 77 5.12 10.91 1.48
CA ASN A 77 4.65 10.53 0.16
C ASN A 77 5.77 10.60 -0.87
N VAL A 78 5.81 9.60 -1.75
CA VAL A 78 6.81 9.56 -2.80
C VAL A 78 6.12 9.06 -4.04
N VAL A 79 6.17 9.84 -5.12
CA VAL A 79 5.55 9.44 -6.37
C VAL A 79 6.60 8.98 -7.37
N ILE A 80 6.49 7.73 -7.82
CA ILE A 80 7.44 7.19 -8.78
C ILE A 80 7.01 7.62 -10.17
N THR A 81 7.95 8.18 -10.92
CA THR A 81 7.68 8.66 -12.27
C THR A 81 9.02 8.89 -13.01
N ARG A 82 9.18 8.24 -14.16
CA ARG A 82 10.40 8.37 -14.94
C ARG A 82 10.45 9.68 -15.71
N ASN A 83 9.37 10.44 -15.64
CA ASN A 83 9.30 11.70 -16.34
C ASN A 83 9.02 12.82 -15.35
N GLU A 84 9.90 13.81 -15.28
CA GLU A 84 9.70 14.94 -14.37
C GLU A 84 8.74 15.94 -15.00
N SER A 85 7.73 16.31 -14.22
CA SER A 85 6.75 17.28 -14.68
C SER A 85 6.72 18.45 -13.69
N LEU A 86 7.89 18.73 -13.12
CA LEU A 86 8.10 19.84 -12.19
C LEU A 86 7.05 20.09 -11.09
N ASP A 87 6.39 19.03 -10.63
CA ASP A 87 5.36 19.17 -9.60
C ASP A 87 5.73 18.45 -8.31
N LEU A 88 5.96 19.23 -7.26
CA LEU A 88 6.33 18.69 -5.96
C LEU A 88 5.23 18.95 -4.94
N GLY A 89 4.82 20.22 -4.90
CA GLY A 89 3.77 20.64 -3.99
C GLY A 89 4.14 20.70 -2.40
N ASN A 90 5.18 21.46 -1.93
CA ASN A 90 5.59 21.66 -0.41
C ASN A 90 5.91 20.35 0.32
N GLY A 91 6.75 19.51 -0.29
CA GLY A 91 7.18 18.25 0.36
C GLY A 91 7.43 17.09 -0.63
N ILE A 92 6.36 16.50 -1.06
CA ILE A 92 6.30 15.33 -1.98
C ILE A 92 7.57 14.98 -2.75
N HIS A 93 8.19 13.87 -2.36
CA HIS A 93 9.40 13.41 -3.01
C HIS A 93 9.02 12.74 -4.32
N SER A 94 9.93 12.76 -5.29
CA SER A 94 9.68 12.14 -6.58
C SER A 94 10.85 11.19 -6.88
N ALA A 95 10.56 10.03 -7.45
CA ALA A 95 11.59 9.06 -7.74
C ALA A 95 11.42 8.38 -9.08
N LYS A 96 12.55 8.11 -9.69
CA LYS A 96 12.62 7.51 -11.01
C LYS A 96 12.17 6.05 -10.98
N SER A 97 12.43 5.38 -9.86
CA SER A 97 12.06 3.98 -9.71
C SER A 97 11.91 3.60 -8.25
N LEU A 98 11.41 2.38 -8.03
CA LEU A 98 11.20 1.84 -6.70
C LEU A 98 12.52 1.81 -5.93
N ASP A 99 13.58 1.30 -6.54
CA ASP A 99 14.84 1.26 -5.84
C ASP A 99 15.44 2.65 -5.73
N HIS A 100 15.17 3.51 -6.70
CA HIS A 100 15.66 4.87 -6.65
C HIS A 100 14.98 5.58 -5.49
N ALA A 101 13.70 5.29 -5.29
CA ALA A 101 12.94 5.91 -4.22
C ALA A 101 13.47 5.46 -2.86
N LEU A 102 13.86 4.20 -2.75
CA LEU A 102 14.38 3.69 -1.50
C LEU A 102 15.68 4.36 -1.11
N GLU A 103 16.58 4.56 -2.07
CA GLU A 103 17.84 5.22 -1.75
C GLU A 103 17.65 6.70 -1.46
N LEU A 104 16.67 7.33 -2.12
CA LEU A 104 16.40 8.74 -1.86
C LEU A 104 15.99 8.89 -0.39
N LEU A 105 15.11 8.00 0.06
CA LEU A 105 14.61 8.00 1.44
C LEU A 105 15.71 7.72 2.43
N TYR A 106 16.43 6.62 2.21
CA TYR A 106 17.50 6.25 3.11
C TYR A 106 18.56 7.33 3.15
N ARG A 107 18.63 8.13 2.09
CA ARG A 107 19.58 9.23 2.02
C ARG A 107 19.00 10.42 2.77
N THR A 108 17.83 10.88 2.29
CA THR A 108 17.11 12.01 2.87
C THR A 108 16.93 11.91 4.38
N TYR A 109 16.75 10.69 4.87
CA TYR A 109 16.55 10.45 6.29
C TYR A 109 17.71 9.67 6.90
N GLY A 110 17.60 9.37 8.18
CA GLY A 110 18.67 8.62 8.83
C GLY A 110 19.32 9.24 10.07
N SER A 111 20.65 9.37 10.01
CA SER A 111 21.42 9.92 11.11
C SER A 111 21.21 11.42 11.31
N GLU A 112 21.50 12.22 10.29
CA GLU A 112 21.33 13.66 10.38
C GLU A 112 19.86 14.06 10.24
N SER A 113 18.97 13.09 10.36
CA SER A 113 17.54 13.38 10.22
C SER A 113 16.75 13.46 11.52
N SER A 114 15.89 14.47 11.59
CA SER A 114 15.03 14.70 12.75
C SER A 114 13.82 13.74 12.69
N VAL A 115 13.48 13.34 11.47
CA VAL A 115 12.35 12.44 11.22
C VAL A 115 12.89 11.09 10.72
N GLN A 116 12.42 10.01 11.33
CA GLN A 116 12.85 8.66 10.96
C GLN A 116 11.76 7.90 10.20
N ILE A 117 12.14 6.83 9.50
CA ILE A 117 11.19 6.01 8.75
C ILE A 117 10.84 4.73 9.53
N ASN A 118 9.55 4.40 9.57
CA ASN A 118 9.09 3.19 10.26
C ASN A 118 8.80 2.07 9.26
N ARG A 119 7.70 2.20 8.54
CA ARG A 119 7.31 1.20 7.55
C ARG A 119 7.14 1.85 6.19
N ILE A 120 7.40 1.07 5.15
CA ILE A 120 7.27 1.53 3.79
C ILE A 120 6.15 0.74 3.13
N PHE A 121 5.20 1.47 2.58
CA PHE A 121 4.03 0.88 1.94
C PHE A 121 4.02 1.22 0.47
N VAL A 122 3.76 0.22 -0.39
CA VAL A 122 3.62 0.45 -1.83
C VAL A 122 2.10 0.45 -1.93
N ILE A 123 1.51 1.61 -2.16
CA ILE A 123 0.07 1.68 -2.19
C ILE A 123 -0.53 1.60 -3.57
N GLY A 124 0.25 1.38 -4.59
CA GLY A 124 -0.46 1.25 -5.82
C GLY A 124 -0.09 1.72 -7.18
N GLY A 125 -0.85 1.13 -8.07
CA GLY A 125 -0.74 1.31 -9.48
C GLY A 125 -0.38 -0.08 -9.87
N ALA A 126 -1.04 -0.58 -10.91
CA ALA A 126 -0.76 -1.91 -11.42
C ALA A 126 0.72 -1.99 -11.83
N GLN A 127 1.23 -0.89 -12.39
CA GLN A 127 2.63 -0.85 -12.82
C GLN A 127 3.59 -0.90 -11.65
N LEU A 128 3.32 -0.12 -10.59
CA LEU A 128 4.19 -0.12 -9.43
C LEU A 128 4.01 -1.42 -8.67
N TYR A 129 2.80 -1.98 -8.75
CA TYR A 129 2.53 -3.25 -8.09
C TYR A 129 3.37 -4.34 -8.75
N LYS A 130 3.51 -4.27 -10.06
CA LYS A 130 4.28 -5.25 -10.80
C LYS A 130 5.73 -5.19 -10.37
N ALA A 131 6.30 -4.00 -10.38
CA ALA A 131 7.68 -3.81 -9.96
C ALA A 131 7.88 -4.31 -8.52
N ALA A 132 6.94 -3.98 -7.65
CA ALA A 132 7.05 -4.38 -6.25
C ALA A 132 6.99 -5.90 -6.09
N MET A 133 6.14 -6.57 -6.86
CA MET A 133 6.04 -8.02 -6.76
C MET A 133 7.35 -8.68 -7.19
N ASP A 134 8.17 -7.96 -7.95
CA ASP A 134 9.46 -8.47 -8.41
C ASP A 134 10.60 -8.11 -7.47
N HIS A 135 10.35 -7.17 -6.55
CA HIS A 135 11.36 -6.70 -5.61
C HIS A 135 11.69 -7.71 -4.52
N PRO A 136 12.98 -7.98 -4.30
CA PRO A 136 13.42 -8.94 -3.28
C PRO A 136 13.13 -8.56 -1.84
N LYS A 137 12.56 -7.39 -1.58
CA LYS A 137 12.26 -7.03 -0.19
C LYS A 137 10.77 -7.04 0.13
N LEU A 138 9.94 -7.25 -0.87
CA LEU A 138 8.49 -7.30 -0.69
C LEU A 138 8.17 -8.66 -0.07
N ASP A 139 7.67 -8.65 1.16
CA ASP A 139 7.33 -9.90 1.84
C ASP A 139 5.94 -9.89 2.47
N ARG A 140 5.14 -8.86 2.21
CA ARG A 140 3.83 -8.76 2.83
C ARG A 140 2.79 -8.04 1.98
N ILE A 141 1.58 -8.59 1.93
CA ILE A 141 0.49 -7.99 1.19
C ILE A 141 -0.71 -7.78 2.12
N MET A 142 -1.14 -6.54 2.24
CA MET A 142 -2.30 -6.24 3.07
C MET A 142 -3.40 -6.15 2.04
N ALA A 143 -4.19 -7.21 1.93
CA ALA A 143 -5.24 -7.22 0.93
C ALA A 143 -6.65 -7.14 1.47
N THR A 144 -7.49 -6.37 0.78
CA THR A 144 -8.91 -6.27 1.10
C THR A 144 -9.61 -6.94 -0.08
N ILE A 145 -10.25 -8.07 0.19
CA ILE A 145 -10.92 -8.83 -0.85
C ILE A 145 -12.37 -8.36 -1.01
N ILE A 146 -12.71 -7.94 -2.22
CA ILE A 146 -14.06 -7.47 -2.52
C ILE A 146 -14.80 -8.59 -3.22
N TYR A 147 -15.79 -9.16 -2.55
CA TYR A 147 -16.56 -10.27 -3.08
C TYR A 147 -17.68 -9.84 -3.99
N LYS A 148 -17.29 -9.50 -5.20
CA LYS A 148 -18.22 -9.08 -6.22
C LYS A 148 -17.40 -8.82 -7.47
N ASP A 149 -17.83 -9.42 -8.57
CA ASP A 149 -17.12 -9.27 -9.84
C ASP A 149 -17.42 -7.92 -10.51
N ILE A 150 -17.08 -6.83 -9.84
CA ILE A 150 -17.27 -5.48 -10.36
C ILE A 150 -16.44 -5.33 -11.65
N HIS A 151 -16.91 -4.54 -12.61
CA HIS A 151 -16.14 -4.37 -13.85
C HIS A 151 -14.93 -3.46 -13.68
N CYS A 152 -13.78 -3.93 -14.17
CA CYS A 152 -12.52 -3.19 -14.06
C CYS A 152 -11.74 -3.35 -15.36
N ASP A 153 -10.81 -2.43 -15.61
CA ASP A 153 -9.97 -2.51 -16.80
C ASP A 153 -8.49 -2.60 -16.41
N VAL A 154 -8.24 -2.54 -15.10
CA VAL A 154 -6.88 -2.63 -14.53
C VAL A 154 -6.90 -3.75 -13.50
N PHE A 155 -5.91 -4.64 -13.57
CA PHE A 155 -5.87 -5.79 -12.67
C PHE A 155 -4.54 -5.94 -11.93
N PHE A 156 -4.57 -6.64 -10.81
CA PHE A 156 -3.38 -6.90 -10.02
C PHE A 156 -2.56 -7.87 -10.86
N PRO A 157 -1.27 -7.59 -11.08
CA PRO A 157 -0.38 -8.43 -11.88
C PRO A 157 -0.10 -9.89 -11.52
N LEU A 158 -0.12 -10.24 -10.23
CA LEU A 158 0.20 -11.60 -9.82
C LEU A 158 -0.94 -12.22 -8.97
N LYS A 159 -1.41 -13.39 -9.39
CA LYS A 159 -2.50 -14.06 -8.69
C LYS A 159 -2.02 -14.77 -7.44
N PHE A 160 -1.66 -13.99 -6.44
CA PHE A 160 -1.13 -14.53 -5.20
C PHE A 160 -2.09 -15.37 -4.33
N ARG A 161 -3.39 -15.26 -4.57
CA ARG A 161 -4.34 -16.04 -3.77
C ARG A 161 -4.67 -17.38 -4.43
N ASP A 162 -4.22 -17.55 -5.67
CA ASP A 162 -4.47 -18.79 -6.40
C ASP A 162 -3.50 -19.91 -6.03
N LYS A 163 -3.93 -21.13 -6.34
CA LYS A 163 -3.16 -22.34 -6.04
C LYS A 163 -1.73 -22.33 -6.55
N GLU A 164 -1.51 -21.86 -7.78
CA GLU A 164 -0.17 -21.83 -8.36
C GLU A 164 0.87 -21.11 -7.49
N TRP A 165 0.41 -20.17 -6.66
CA TRP A 165 1.33 -19.42 -5.79
C TRP A 165 1.22 -19.82 -4.32
N SER A 166 0.45 -20.86 -4.03
CA SER A 166 0.21 -21.30 -2.66
C SER A 166 1.39 -21.85 -1.87
N SER A 167 2.52 -22.07 -2.53
CA SER A 167 3.68 -22.57 -1.81
C SER A 167 4.56 -21.38 -1.43
N VAL A 168 4.30 -20.24 -2.04
CA VAL A 168 5.07 -19.02 -1.79
C VAL A 168 4.31 -18.07 -0.87
N TRP A 169 3.11 -17.68 -1.28
CA TRP A 169 2.29 -16.75 -0.49
C TRP A 169 1.37 -17.49 0.47
N LYS A 170 1.47 -17.14 1.74
CA LYS A 170 0.66 -17.77 2.77
C LYS A 170 -0.26 -16.73 3.41
N LYS A 171 -1.49 -17.12 3.73
CA LYS A 171 -2.46 -16.24 4.38
C LYS A 171 -2.28 -16.36 5.89
N GLU A 172 -2.05 -15.22 6.54
CA GLU A 172 -1.83 -15.19 7.99
C GLU A 172 -3.11 -15.23 8.84
N LYS A 173 -2.98 -15.75 10.06
CA LYS A 173 -4.11 -15.82 10.98
C LYS A 173 -4.63 -14.39 11.19
N HIS A 174 -5.88 -14.26 11.56
CA HIS A 174 -6.44 -12.94 11.77
C HIS A 174 -5.80 -12.21 12.96
N SER A 175 -5.53 -12.96 14.03
CA SER A 175 -4.92 -12.41 15.24
C SER A 175 -3.55 -11.81 14.92
N ASP A 176 -2.83 -12.43 14.00
CA ASP A 176 -1.53 -11.93 13.59
C ASP A 176 -1.71 -10.65 12.77
N LEU A 177 -2.79 -10.57 12.01
CA LEU A 177 -3.06 -9.37 11.24
C LEU A 177 -3.20 -8.21 12.23
N GLU A 178 -4.12 -8.35 13.19
CA GLU A 178 -4.36 -7.30 14.21
C GLU A 178 -3.08 -6.93 14.95
N SER A 179 -2.25 -7.92 15.22
CA SER A 179 -0.98 -7.69 15.91
C SER A 179 -0.08 -6.78 15.09
N TRP A 180 0.22 -7.20 13.85
CA TRP A 180 1.08 -6.43 12.98
C TRP A 180 0.49 -5.04 12.77
N VAL A 181 -0.83 -4.98 12.66
CA VAL A 181 -1.54 -3.72 12.44
C VAL A 181 -1.78 -2.91 13.71
N GLY A 182 -1.65 -3.55 14.87
CA GLY A 182 -1.86 -2.83 16.11
C GLY A 182 -3.24 -3.06 16.72
N THR A 183 -4.23 -2.26 16.32
CA THR A 183 -5.58 -2.39 16.86
C THR A 183 -6.34 -3.59 16.31
N LYS A 184 -7.44 -3.94 16.97
CA LYS A 184 -8.28 -5.06 16.54
C LYS A 184 -8.96 -4.63 15.25
N VAL A 185 -9.00 -5.52 14.27
CA VAL A 185 -9.63 -5.21 13.01
C VAL A 185 -10.81 -6.14 12.85
N PRO A 186 -11.85 -5.72 12.11
CA PRO A 186 -13.04 -6.53 11.88
C PRO A 186 -12.75 -7.89 11.26
N HIS A 187 -13.28 -8.94 11.87
CA HIS A 187 -13.09 -10.30 11.40
C HIS A 187 -14.29 -10.73 10.58
N GLY A 188 -14.06 -11.43 9.48
CA GLY A 188 -15.17 -11.85 8.65
C GLY A 188 -15.59 -10.80 7.62
N LYS A 189 -16.63 -11.11 6.86
CA LYS A 189 -17.10 -10.21 5.83
C LYS A 189 -17.84 -8.99 6.34
N ILE A 190 -17.53 -7.85 5.75
CA ILE A 190 -18.14 -6.58 6.11
C ILE A 190 -19.04 -6.13 4.97
N ASN A 191 -20.25 -5.68 5.29
CA ASN A 191 -21.18 -5.22 4.27
C ASN A 191 -21.29 -3.70 4.31
N GLU A 192 -21.16 -3.06 3.17
CA GLU A 192 -21.21 -1.61 3.09
C GLU A 192 -21.49 -1.17 1.65
N ASP A 193 -22.68 -0.65 1.40
CA ASP A 193 -23.10 -0.19 0.07
C ASP A 193 -23.36 -1.32 -0.92
N GLY A 194 -23.78 -2.47 -0.40
CA GLY A 194 -24.05 -3.59 -1.27
C GLY A 194 -22.77 -4.32 -1.63
N PHE A 195 -21.70 -4.04 -0.90
CA PHE A 195 -20.43 -4.71 -1.15
C PHE A 195 -20.03 -5.48 0.10
N ASP A 196 -19.59 -6.72 -0.09
CA ASP A 196 -19.10 -7.53 1.02
C ASP A 196 -17.61 -7.71 0.80
N TYR A 197 -16.82 -7.28 1.77
CA TYR A 197 -15.38 -7.37 1.66
C TYR A 197 -14.74 -7.90 2.93
N GLU A 198 -13.47 -8.25 2.80
CA GLU A 198 -12.77 -8.83 3.92
C GLU A 198 -11.30 -8.44 3.95
N PHE A 199 -10.73 -8.36 5.15
CA PHE A 199 -9.32 -8.02 5.32
C PHE A 199 -8.50 -9.29 5.47
N GLU A 200 -7.38 -9.33 4.75
CA GLU A 200 -6.48 -10.48 4.81
C GLU A 200 -5.04 -9.98 4.76
N MET A 201 -4.14 -10.74 5.36
CA MET A 201 -2.73 -10.41 5.31
C MET A 201 -2.02 -11.64 4.83
N TRP A 202 -1.21 -11.45 3.79
CA TRP A 202 -0.45 -12.53 3.18
C TRP A 202 1.03 -12.25 3.28
N THR A 203 1.81 -13.29 3.57
CA THR A 203 3.25 -13.12 3.66
C THR A 203 4.02 -14.12 2.81
N ARG A 204 5.26 -13.75 2.56
CA ARG A 204 6.17 -14.49 1.73
C ARG A 204 7.49 -14.63 2.49
N ASP A 205 8.20 -15.74 2.31
CA ASP A 205 9.50 -15.88 2.95
C ASP A 205 10.47 -15.24 1.93
N LEU A 206 11.40 -14.43 2.40
CA LEU A 206 12.33 -13.81 1.47
C LEU A 206 13.57 -14.69 1.26
PA NAP B . 0.16 3.40 -11.47
O1A NAP B . 0.18 3.84 -10.05
O2A NAP B . 0.83 2.12 -11.74
O5B NAP B . 0.87 4.58 -12.26
C5B NAP B . 1.68 4.29 -13.39
C4B NAP B . 2.29 5.58 -13.73
O4B NAP B . 3.08 5.77 -12.50
C3B NAP B . 3.28 5.62 -14.90
O3B NAP B . 2.80 6.32 -16.08
C2B NAP B . 4.53 6.25 -14.18
O2B NAP B . 5.23 7.48 -14.57
C1B NAP B . 4.51 5.77 -12.79
N9A NAP B . 5.14 4.40 -12.54
C8A NAP B . 4.58 3.29 -11.96
N7A NAP B . 5.42 2.26 -11.89
C5A NAP B . 6.53 2.74 -12.41
C6A NAP B . 7.73 2.01 -12.55
N6A NAP B . 7.81 0.75 -12.13
N1A NAP B . 8.79 2.66 -13.12
C2A NAP B . 8.69 3.95 -13.53
N3A NAP B . 7.52 4.65 -13.40
C4A NAP B . 6.42 4.06 -12.83
O3 NAP B . -1.37 3.35 -11.93
PN NAP B . -1.97 2.48 -13.12
O1N NAP B . -1.79 1.05 -12.82
O2N NAP B . -1.47 2.96 -14.43
O5D NAP B . -3.55 2.76 -13.04
C5D NAP B . -4.18 3.60 -12.07
C4D NAP B . -5.48 2.88 -11.75
O4D NAP B . -5.27 1.91 -10.68
C3D NAP B . -6.60 3.80 -11.21
O3D NAP B . -7.93 3.35 -11.62
C2D NAP B . -6.45 3.73 -9.72
O2D NAP B . -7.53 4.25 -8.94
C1D NAP B . -6.21 2.23 -9.59
N1N NAP B . -5.62 1.75 -8.30
C2N NAP B . -6.36 0.86 -7.46
C3N NAP B . -5.78 0.42 -6.24
C7N NAP B . -6.51 -0.56 -5.24
O7N NAP B . -6.07 -0.71 -4.10
N7N NAP B . -7.59 -1.19 -5.66
C4N NAP B . -4.49 0.89 -5.91
C5N NAP B . -3.77 1.78 -6.74
C6N NAP B . -4.33 2.22 -7.94
P2B NAP B . 5.05 8.27 -15.94
O1X NAP B . 5.46 7.30 -17.02
O2X NAP B . 5.96 9.44 -15.93
O3X NAP B . 3.66 8.73 -16.14
N1 GPB C . -5.58 -0.21 -0.34
C2 GPB C . -6.78 -0.31 0.21
NA2 GPB C . -7.07 -1.16 1.09
N3 GPB C . -7.80 0.60 -0.22
C4 GPB C . -7.65 1.58 -1.17
C5 GPB C . -8.62 2.31 -1.46
C4A GPB C . -6.27 1.69 -1.79
C6 GPB C . -5.38 2.48 -2.81
C7 GPB C . -4.19 1.88 -2.70
N8 GPB C . -4.08 0.90 -1.87
C8A GPB C . -5.33 0.79 -1.33
C9 GPB C . -5.66 3.65 -3.75
C10 GPB C . -6.65 4.81 -3.62
C11 GPB C . -7.26 7.88 -0.54
C12 GPB C . -8.06 7.82 -1.67
C13 GPB C . -7.85 6.85 -2.64
C14 GPB C . -6.79 5.87 -2.52
C15 GPB C . -5.94 5.87 -1.42
C16 GPB C . -6.18 6.90 -0.42
C GPB C . -7.50 8.86 0.44
O GPB C . -7.94 9.97 0.21
N GPB C . -7.17 8.59 1.62
CA GPB C . -7.22 9.46 2.79
CB GPB C . -8.55 9.09 3.48
CG GPB C . -9.59 10.30 3.56
CD GPB C . -10.77 9.63 4.28
OE1 GPB C . -11.77 9.69 3.39
OE2 GPB C . -10.65 9.16 5.56
CT GPB C . -6.07 9.10 3.76
O1 GPB C . -5.45 8.02 3.69
O2 GPB C . -5.77 9.95 4.63
#